data_4YMX
#
_entry.id   4YMX
#
_cell.length_a   39.026
_cell.length_b   41.409
_cell.length_c   75.604
_cell.angle_alpha   103.73
_cell.angle_beta   102.74
_cell.angle_gamma   90.12
#
_symmetry.space_group_name_H-M   'P 1'
#
loop_
_entity.id
_entity.type
_entity.pdbx_description
1 polymer 'ABC-type amino acid transport system, periplasmic component'
2 non-polymer ARGININE
3 water water
#
_entity_poly.entity_id   1
_entity_poly.type   'polypeptide(L)'
_entity_poly.pdbx_seq_one_letter_code
;MNKKSLFLAFAVVFALAFMLSGCGSKFNTVDQIKQKGVIVMGTSADFPPFEFHKVEGGKDEIVGFDIDIANAIAKKLGVK
LEIKDMDFKGLIPALQAGRVDMVIAGMTPTAERKKSVDFSDLYYDSRQVVVVKNDSPISKFDDLKVKTIAVQIGTTSEEA
AKKIPNVKLKQLNRVSDEFMDLQNGRCDAIVVEDTVAKAYLKEYKDMKILYMDEINNVENGSAVAVAKGNKSLLDVVNEV
IKELKQSGEYDKLVDKWFKQ
;
_entity_poly.pdbx_strand_id   A,B
#
# COMPACT_ATOMS: atom_id res chain seq x y z
N GLY A 37 -5.56 28.89 31.86
CA GLY A 37 -4.46 27.95 31.80
C GLY A 37 -4.81 26.65 31.10
N VAL A 38 -5.89 26.69 30.32
CA VAL A 38 -6.39 25.51 29.62
C VAL A 38 -6.80 25.88 28.20
N ILE A 39 -6.54 24.99 27.24
CA ILE A 39 -7.20 25.09 25.96
C ILE A 39 -8.06 23.84 25.80
N VAL A 40 -9.30 24.06 25.40
CA VAL A 40 -10.25 22.96 25.24
C VAL A 40 -10.44 22.68 23.77
N MET A 41 -10.24 21.40 23.42
N MET A 41 -10.20 21.41 23.39
N MET A 41 -10.20 21.41 23.40
CA MET A 41 -10.37 20.95 22.05
CA MET A 41 -10.41 21.01 22.01
CA MET A 41 -10.39 20.96 22.03
C MET A 41 -11.57 20.01 21.90
C MET A 41 -11.57 20.03 21.90
C MET A 41 -11.60 20.04 21.93
N GLY A 42 -12.37 20.23 20.87
CA GLY A 42 -13.44 19.30 20.55
C GLY A 42 -12.96 18.37 19.45
N THR A 43 -13.30 17.10 19.57
CA THR A 43 -13.05 16.16 18.49
C THR A 43 -14.10 15.06 18.49
N SER A 44 -14.10 14.24 17.44
CA SER A 44 -14.94 13.06 17.38
C SER A 44 -13.98 11.88 17.24
N ALA A 45 -13.76 11.16 18.35
CA ALA A 45 -12.68 10.17 18.40
C ALA A 45 -13.12 8.79 17.93
N ASP A 46 -13.63 8.77 16.70
CA ASP A 46 -14.07 7.58 16.01
C ASP A 46 -13.35 7.46 14.68
N PHE A 47 -12.17 8.08 14.59
CA PHE A 47 -11.56 8.40 13.30
C PHE A 47 -10.07 8.10 13.31
N PRO A 48 -9.70 6.84 13.58
CA PRO A 48 -8.27 6.47 13.55
C PRO A 48 -7.73 6.62 12.13
N PRO A 49 -6.48 7.07 11.97
CA PRO A 49 -5.47 7.39 12.98
C PRO A 49 -5.43 8.85 13.42
N PHE A 50 -6.46 9.62 13.10
CA PHE A 50 -6.50 11.04 13.49
C PHE A 50 -6.85 11.22 14.95
N GLU A 51 -7.92 10.57 15.38
CA GLU A 51 -8.32 10.58 16.78
C GLU A 51 -9.13 9.33 17.07
N PHE A 52 -8.74 8.64 18.13
CA PHE A 52 -9.45 7.43 18.53
C PHE A 52 -9.12 7.10 19.98
N HIS A 53 -9.92 6.22 20.58
CA HIS A 53 -9.66 5.77 21.93
C HIS A 53 -8.74 4.56 21.92
N LYS A 54 -7.58 4.72 22.52
CA LYS A 54 -6.66 3.61 22.74
C LYS A 54 -6.90 3.15 24.17
N VAL A 55 -7.48 1.97 24.29
CA VAL A 55 -7.92 1.43 25.58
C VAL A 55 -7.11 0.19 25.90
N GLU A 56 -6.12 0.35 26.76
CA GLU A 56 -5.27 -0.77 27.18
C GLU A 56 -4.41 -0.37 28.37
N GLY A 57 -3.98 -1.38 29.11
CA GLY A 57 -3.11 -1.17 30.27
C GLY A 57 -3.71 -0.29 31.35
N GLY A 58 -5.04 -0.28 31.43
CA GLY A 58 -5.73 0.51 32.44
C GLY A 58 -5.88 1.96 32.05
N LYS A 59 -5.74 2.25 30.76
CA LYS A 59 -5.87 3.61 30.27
C LYS A 59 -6.96 3.69 29.21
N ASP A 60 -7.66 4.82 29.18
CA ASP A 60 -8.51 5.17 28.04
C ASP A 60 -8.00 6.52 27.57
N GLU A 61 -7.16 6.52 26.55
N GLU A 61 -7.16 6.52 26.55
CA GLU A 61 -6.56 7.75 26.06
CA GLU A 61 -6.55 7.75 26.07
C GLU A 61 -7.06 8.06 24.67
C GLU A 61 -7.06 8.06 24.68
N ILE A 62 -7.41 9.32 24.44
CA ILE A 62 -7.73 9.76 23.09
C ILE A 62 -6.40 10.15 22.45
N VAL A 63 -6.05 9.43 21.39
CA VAL A 63 -4.74 9.57 20.75
C VAL A 63 -4.90 9.70 19.24
N GLY A 64 -3.81 10.06 18.56
CA GLY A 64 -3.80 10.12 17.11
C GLY A 64 -3.03 11.32 16.59
N PHE A 65 -2.95 11.41 15.27
CA PHE A 65 -2.26 12.51 14.61
C PHE A 65 -2.80 13.87 15.04
N ASP A 66 -4.13 13.98 15.09
CA ASP A 66 -4.74 15.26 15.49
C ASP A 66 -4.44 15.59 16.94
N ILE A 67 -4.33 14.58 17.79
CA ILE A 67 -4.02 14.80 19.19
C ILE A 67 -2.57 15.26 19.37
N ASP A 68 -1.66 14.69 18.59
CA ASP A 68 -0.27 15.16 18.64
C ASP A 68 -0.19 16.62 18.21
N ILE A 69 -0.96 17.01 17.21
CA ILE A 69 -0.97 18.40 16.77
C ILE A 69 -1.54 19.28 17.87
N ALA A 70 -2.64 18.83 18.49
CA ALA A 70 -3.24 19.58 19.58
C ALA A 70 -2.27 19.78 20.73
N ASN A 71 -1.51 18.75 21.05
CA ASN A 71 -0.55 18.90 22.14
C ASN A 71 0.59 19.84 21.79
N ALA A 72 0.96 19.91 20.51
CA ALA A 72 1.96 20.88 20.08
C ALA A 72 1.43 22.30 20.25
N ILE A 73 0.14 22.49 19.96
CA ILE A 73 -0.48 23.80 20.12
C ILE A 73 -0.55 24.17 21.61
N ALA A 74 -0.98 23.23 22.44
CA ALA A 74 -1.07 23.47 23.88
C ALA A 74 0.29 23.82 24.46
N LYS A 75 1.34 23.16 23.98
CA LYS A 75 2.69 23.42 24.47
C LYS A 75 3.22 24.80 24.07
N LYS A 76 2.92 25.22 22.84
CA LYS A 76 3.25 26.58 22.40
C LYS A 76 2.57 27.63 23.27
N LEU A 77 1.32 27.37 23.64
CA LEU A 77 0.56 28.31 24.45
C LEU A 77 0.92 28.24 25.94
N GLY A 78 1.60 27.17 26.35
CA GLY A 78 1.94 26.94 27.75
C GLY A 78 0.72 26.65 28.60
N VAL A 79 -0.22 25.88 28.06
CA VAL A 79 -1.45 25.56 28.77
C VAL A 79 -1.73 24.06 28.75
N LYS A 80 -2.66 23.64 29.62
CA LYS A 80 -3.12 22.26 29.67
C LYS A 80 -4.12 22.05 28.55
N LEU A 81 -4.02 20.88 27.89
CA LEU A 81 -4.99 20.51 26.86
C LEU A 81 -6.09 19.67 27.48
N GLU A 82 -7.33 20.07 27.27
CA GLU A 82 -8.48 19.24 27.61
C GLU A 82 -9.20 18.88 26.33
N ILE A 83 -9.57 17.61 26.20
CA ILE A 83 -10.28 17.13 25.03
C ILE A 83 -11.71 16.75 25.38
N LYS A 84 -12.67 17.25 24.61
CA LYS A 84 -14.05 16.81 24.71
C LYS A 84 -14.40 15.97 23.48
N ASP A 85 -14.76 14.71 23.72
CA ASP A 85 -15.19 13.81 22.65
C ASP A 85 -16.70 13.94 22.46
N MET A 86 -17.12 14.21 21.22
CA MET A 86 -18.53 14.36 20.90
C MET A 86 -18.79 13.92 19.46
N ASP A 87 -20.06 13.73 19.14
CA ASP A 87 -20.46 13.43 17.76
C ASP A 87 -19.92 14.49 16.83
N PHE A 88 -19.38 14.07 15.68
CA PHE A 88 -18.78 15.02 14.74
C PHE A 88 -19.71 16.19 14.40
N LYS A 89 -21.00 15.88 14.21
CA LYS A 89 -21.99 16.90 13.86
C LYS A 89 -22.13 18.03 14.90
N GLY A 90 -21.72 17.77 16.14
CA GLY A 90 -21.80 18.78 17.18
C GLY A 90 -20.58 19.67 17.29
N LEU A 91 -19.54 19.39 16.52
CA LEU A 91 -18.27 20.11 16.70
C LEU A 91 -18.35 21.59 16.34
N ILE A 92 -18.87 21.91 15.16
CA ILE A 92 -19.01 23.32 14.80
C ILE A 92 -19.97 24.08 15.73
N PRO A 93 -21.15 23.49 16.05
CA PRO A 93 -22.00 24.17 17.04
C PRO A 93 -21.31 24.39 18.40
N ALA A 94 -20.52 23.43 18.87
CA ALA A 94 -19.80 23.60 20.12
C ALA A 94 -18.80 24.75 20.05
N LEU A 95 -18.13 24.86 18.91
CA LEU A 95 -17.13 25.90 18.71
C LEU A 95 -17.81 27.27 18.65
N GLN A 96 -18.94 27.35 17.95
CA GLN A 96 -19.71 28.59 17.86
C GLN A 96 -20.21 29.05 19.23
N ALA A 97 -20.57 28.08 20.07
CA ALA A 97 -21.10 28.35 21.39
C ALA A 97 -20.00 28.63 22.43
N GLY A 98 -18.75 28.44 22.05
CA GLY A 98 -17.65 28.63 22.99
C GLY A 98 -17.45 27.50 23.96
N ARG A 99 -18.08 26.36 23.70
N ARG A 99 -18.08 26.36 23.70
CA ARG A 99 -17.91 25.18 24.55
CA ARG A 99 -17.91 25.17 24.55
C ARG A 99 -16.55 24.50 24.33
C ARG A 99 -16.55 24.51 24.34
N VAL A 100 -15.93 24.77 23.19
CA VAL A 100 -14.54 24.37 22.94
C VAL A 100 -13.85 25.57 22.30
N ASP A 101 -12.52 25.60 22.39
CA ASP A 101 -11.73 26.69 21.80
C ASP A 101 -11.27 26.39 20.38
N MET A 102 -11.09 25.10 20.06
CA MET A 102 -10.68 24.70 18.73
C MET A 102 -11.20 23.30 18.47
N VAL A 103 -11.31 22.98 17.18
CA VAL A 103 -11.70 21.64 16.77
C VAL A 103 -10.61 21.08 15.87
N ILE A 104 -10.14 19.88 16.21
CA ILE A 104 -9.25 19.14 15.33
C ILE A 104 -9.87 17.76 15.20
N ALA A 105 -10.35 17.44 14.01
CA ALA A 105 -11.12 16.21 13.81
C ALA A 105 -11.12 15.77 12.36
N GLY A 106 -9.95 15.80 11.73
CA GLY A 106 -9.86 15.51 10.31
C GLY A 106 -10.86 16.32 9.51
N MET A 107 -11.03 17.59 9.90
CA MET A 107 -12.13 18.39 9.42
C MET A 107 -11.76 19.22 8.20
N THR A 108 -12.56 19.07 7.15
CA THR A 108 -12.28 19.74 5.88
C THR A 108 -12.74 21.20 5.92
N PRO A 109 -11.86 22.13 5.51
CA PRO A 109 -12.24 23.54 5.53
C PRO A 109 -13.10 23.93 4.32
N THR A 110 -14.36 23.51 4.31
CA THR A 110 -15.25 23.77 3.18
C THR A 110 -15.67 25.23 3.13
N ALA A 111 -16.00 25.70 1.93
CA ALA A 111 -16.49 27.07 1.78
C ALA A 111 -17.72 27.31 2.68
N GLU A 112 -18.59 26.31 2.75
CA GLU A 112 -19.78 26.42 3.58
C GLU A 112 -19.42 26.62 5.06
N ARG A 113 -18.51 25.80 5.56
CA ARG A 113 -18.12 25.90 6.96
C ARG A 113 -17.41 27.21 7.29
N LYS A 114 -16.68 27.74 6.32
CA LYS A 114 -15.95 29.00 6.50
C LYS A 114 -16.88 30.19 6.79
N LYS A 115 -18.16 30.05 6.46
CA LYS A 115 -19.12 31.10 6.79
C LYS A 115 -19.35 31.16 8.30
N SER A 116 -19.10 30.04 8.97
CA SER A 116 -19.44 29.90 10.40
C SER A 116 -18.25 29.94 11.34
N VAL A 117 -17.15 29.32 10.92
CA VAL A 117 -15.93 29.25 11.73
C VAL A 117 -14.71 29.58 10.86
N ASP A 118 -13.55 29.78 11.49
CA ASP A 118 -12.33 30.06 10.75
C ASP A 118 -11.41 28.82 10.75
N PHE A 119 -10.71 28.61 9.65
CA PHE A 119 -9.84 27.45 9.51
C PHE A 119 -8.38 27.82 9.36
N SER A 120 -7.53 26.98 9.94
CA SER A 120 -6.10 27.06 9.73
C SER A 120 -5.72 26.65 8.32
N ASP A 121 -4.44 26.79 8.02
CA ASP A 121 -3.87 26.17 6.83
C ASP A 121 -4.11 24.67 6.91
N LEU A 122 -4.18 24.02 5.75
CA LEU A 122 -4.30 22.56 5.72
C LEU A 122 -3.08 21.91 6.37
N TYR A 123 -3.31 20.82 7.10
CA TYR A 123 -2.20 20.07 7.70
C TYR A 123 -2.12 18.62 7.21
N TYR A 124 -3.11 18.18 6.41
CA TYR A 124 -3.04 16.86 5.78
C TYR A 124 -4.04 16.79 4.64
N ASP A 125 -3.75 15.98 3.63
CA ASP A 125 -4.66 15.81 2.52
C ASP A 125 -5.68 14.72 2.91
N SER A 126 -6.73 14.56 2.13
CA SER A 126 -7.62 13.43 2.33
C SER A 126 -8.34 13.07 1.03
N ARG A 127 -8.89 11.85 1.00
N ARG A 127 -8.91 11.87 1.01
CA ARG A 127 -9.59 11.32 -0.16
CA ARG A 127 -9.59 11.32 -0.15
C ARG A 127 -10.79 10.49 0.29
C ARG A 127 -10.79 10.49 0.29
N GLN A 128 -11.94 10.71 -0.32
CA GLN A 128 -13.12 9.89 -0.08
C GLN A 128 -13.02 8.57 -0.83
N VAL A 129 -13.40 7.49 -0.17
CA VAL A 129 -13.48 6.19 -0.81
C VAL A 129 -14.78 5.50 -0.42
N VAL A 130 -15.04 4.37 -1.04
CA VAL A 130 -16.18 3.54 -0.72
C VAL A 130 -15.69 2.24 -0.09
N VAL A 131 -16.34 1.81 0.99
CA VAL A 131 -16.05 0.52 1.61
C VAL A 131 -17.23 -0.42 1.40
N VAL A 132 -16.93 -1.65 0.98
CA VAL A 132 -17.96 -2.69 0.78
C VAL A 132 -17.43 -4.00 1.34
N LYS A 133 -18.30 -5.01 1.46
CA LYS A 133 -17.83 -6.34 1.81
C LYS A 133 -17.07 -6.97 0.65
N ASN A 134 -16.22 -7.93 0.94
CA ASN A 134 -15.41 -8.57 -0.10
C ASN A 134 -16.24 -9.20 -1.22
N ASP A 135 -17.43 -9.70 -0.87
CA ASP A 135 -18.29 -10.34 -1.86
C ASP A 135 -19.41 -9.44 -2.36
N SER A 136 -19.21 -8.13 -2.24
CA SER A 136 -20.23 -7.19 -2.66
C SER A 136 -20.44 -7.23 -4.17
N PRO A 137 -21.68 -7.03 -4.60
CA PRO A 137 -21.96 -6.88 -6.04
C PRO A 137 -21.57 -5.50 -6.59
N ILE A 138 -21.13 -4.60 -5.72
CA ILE A 138 -20.74 -3.26 -6.15
C ILE A 138 -19.28 -3.25 -6.61
N SER A 139 -19.03 -2.79 -7.83
CA SER A 139 -17.67 -2.72 -8.38
C SER A 139 -17.28 -1.30 -8.78
N LYS A 140 -18.28 -0.50 -9.13
CA LYS A 140 -18.00 0.82 -9.67
C LYS A 140 -19.06 1.82 -9.24
N PHE A 141 -18.79 3.09 -9.54
CA PHE A 141 -19.62 4.20 -9.08
C PHE A 141 -21.09 4.06 -9.52
N ASP A 142 -21.33 3.63 -10.75
CA ASP A 142 -22.69 3.47 -11.26
C ASP A 142 -23.48 2.46 -10.41
N ASP A 143 -22.79 1.49 -9.83
CA ASP A 143 -23.44 0.45 -9.03
C ASP A 143 -24.00 0.96 -7.71
N LEU A 144 -23.64 2.18 -7.33
CA LEU A 144 -24.11 2.76 -6.07
C LEU A 144 -25.55 3.26 -6.16
N LYS A 145 -26.07 3.40 -7.38
CA LYS A 145 -27.44 3.86 -7.55
C LYS A 145 -28.43 2.99 -6.79
N VAL A 146 -29.39 3.64 -6.13
CA VAL A 146 -30.47 2.96 -5.40
C VAL A 146 -29.99 2.15 -4.18
N LYS A 147 -28.72 2.29 -3.81
N LYS A 147 -28.72 2.30 -3.81
CA LYS A 147 -28.17 1.52 -2.70
CA LYS A 147 -28.16 1.54 -2.69
C LYS A 147 -28.30 2.25 -1.36
C LYS A 147 -28.30 2.26 -1.35
N THR A 148 -28.20 1.48 -0.28
CA THR A 148 -28.21 2.03 1.06
C THR A 148 -26.76 2.30 1.45
N ILE A 149 -26.46 3.58 1.68
CA ILE A 149 -25.09 4.01 1.90
C ILE A 149 -24.96 4.65 3.28
N ALA A 150 -24.10 4.08 4.13
CA ALA A 150 -23.88 4.62 5.47
C ALA A 150 -22.88 5.77 5.41
N VAL A 151 -23.22 6.88 6.08
CA VAL A 151 -22.37 8.06 6.14
C VAL A 151 -22.49 8.72 7.50
N GLN A 152 -21.48 9.52 7.84
CA GLN A 152 -21.47 10.25 9.09
C GLN A 152 -22.19 11.60 8.90
N ILE A 153 -23.14 11.86 9.78
CA ILE A 153 -23.89 13.11 9.75
C ILE A 153 -22.97 14.32 9.83
N GLY A 154 -23.16 15.25 8.91
CA GLY A 154 -22.49 16.54 8.98
C GLY A 154 -21.16 16.57 8.25
N THR A 155 -20.89 15.53 7.46
CA THR A 155 -19.58 15.40 6.81
C THR A 155 -19.58 15.59 5.30
N THR A 156 -18.37 15.77 4.77
CA THR A 156 -18.20 15.78 3.32
C THR A 156 -18.49 14.39 2.73
N SER A 157 -18.29 13.34 3.52
CA SER A 157 -18.64 11.99 3.07
C SER A 157 -20.14 11.91 2.80
N GLU A 158 -20.92 12.46 3.73
CA GLU A 158 -22.37 12.55 3.54
C GLU A 158 -22.73 13.39 2.31
N GLU A 159 -22.06 14.53 2.15
CA GLU A 159 -22.25 15.37 0.96
C GLU A 159 -22.01 14.59 -0.33
N ALA A 160 -20.96 13.77 -0.33
CA ALA A 160 -20.62 12.99 -1.52
C ALA A 160 -21.71 11.95 -1.80
N ALA A 161 -22.16 11.26 -0.76
CA ALA A 161 -23.16 10.21 -0.94
C ALA A 161 -24.51 10.75 -1.39
N LYS A 162 -24.84 11.98 -0.99
CA LYS A 162 -26.12 12.57 -1.34
C LYS A 162 -26.29 12.79 -2.84
N LYS A 163 -25.17 12.78 -3.56
CA LYS A 163 -25.20 13.01 -5.01
C LYS A 163 -25.47 11.73 -5.80
N ILE A 164 -25.44 10.58 -5.13
CA ILE A 164 -25.69 9.31 -5.79
C ILE A 164 -27.17 9.21 -6.14
N PRO A 165 -27.47 8.91 -7.42
CA PRO A 165 -28.88 8.83 -7.83
C PRO A 165 -29.70 7.83 -7.02
N ASN A 166 -30.85 8.27 -6.51
CA ASN A 166 -31.76 7.42 -5.75
C ASN A 166 -31.13 6.75 -4.52
N VAL A 167 -30.09 7.41 -3.98
CA VAL A 167 -29.41 6.88 -2.80
C VAL A 167 -30.37 6.77 -1.61
N LYS A 168 -30.21 5.71 -0.83
CA LYS A 168 -30.88 5.60 0.45
C LYS A 168 -29.84 5.85 1.52
N LEU A 169 -29.82 7.07 2.03
N LEU A 169 -29.79 7.09 2.00
CA LEU A 169 -28.83 7.47 3.00
CA LEU A 169 -28.81 7.47 3.01
C LEU A 169 -29.10 6.85 4.36
C LEU A 169 -29.12 6.80 4.33
N LYS A 170 -28.10 6.22 4.96
CA LYS A 170 -28.20 5.78 6.35
C LYS A 170 -27.24 6.66 7.15
N GLN A 171 -27.79 7.51 8.00
CA GLN A 171 -27.03 8.57 8.65
C GLN A 171 -26.68 8.21 10.07
N LEU A 172 -25.38 8.24 10.38
CA LEU A 172 -24.88 7.85 11.71
C LEU A 172 -24.14 8.98 12.40
N ASN A 173 -24.24 9.03 13.73
CA ASN A 173 -23.44 9.96 14.50
C ASN A 173 -21.96 9.65 14.44
N ARG A 174 -21.62 8.36 14.56
CA ARG A 174 -20.23 7.92 14.70
C ARG A 174 -19.85 6.90 13.63
N VAL A 175 -18.62 7.03 13.15
CA VAL A 175 -18.11 6.17 12.09
C VAL A 175 -18.12 4.69 12.50
N SER A 176 -17.87 4.42 13.78
CA SER A 176 -17.83 3.04 14.25
C SER A 176 -19.14 2.31 13.96
N ASP A 177 -20.26 3.02 14.03
CA ASP A 177 -21.56 2.40 13.73
C ASP A 177 -21.77 2.13 12.25
N GLU A 178 -21.13 2.92 11.40
CA GLU A 178 -21.19 2.69 9.96
C GLU A 178 -20.55 1.37 9.61
N PHE A 179 -19.41 1.08 10.24
CA PHE A 179 -18.74 -0.18 10.00
C PHE A 179 -19.51 -1.36 10.56
N MET A 180 -20.16 -1.17 11.70
CA MET A 180 -21.04 -2.21 12.23
C MET A 180 -22.21 -2.47 11.29
N ASP A 181 -22.75 -1.41 10.70
CA ASP A 181 -23.84 -1.54 9.73
C ASP A 181 -23.41 -2.39 8.54
N LEU A 182 -22.25 -2.07 7.97
CA LEU A 182 -21.77 -2.81 6.81
C LEU A 182 -21.50 -4.26 7.16
N GLN A 183 -20.89 -4.49 8.32
CA GLN A 183 -20.59 -5.85 8.75
C GLN A 183 -21.87 -6.68 8.88
N ASN A 184 -22.92 -6.04 9.36
N ASN A 184 -22.92 -6.06 9.37
CA ASN A 184 -24.20 -6.71 9.63
CA ASN A 184 -24.18 -6.76 9.60
C ASN A 184 -25.20 -6.66 8.48
C ASN A 184 -25.21 -6.63 8.49
N GLY A 185 -24.77 -6.18 7.32
CA GLY A 185 -25.64 -6.09 6.16
C GLY A 185 -26.75 -5.06 6.25
N ARG A 186 -26.60 -4.06 7.11
CA ARG A 186 -27.61 -3.01 7.25
C ARG A 186 -27.39 -1.85 6.27
N CYS A 187 -26.31 -1.93 5.50
CA CYS A 187 -26.10 -1.02 4.38
C CYS A 187 -25.31 -1.77 3.32
N ASP A 188 -25.22 -1.18 2.14
CA ASP A 188 -24.55 -1.79 1.02
C ASP A 188 -23.12 -1.28 0.90
N ALA A 189 -22.88 -0.09 1.44
CA ALA A 189 -21.57 0.54 1.32
C ALA A 189 -21.43 1.65 2.34
N ILE A 190 -20.19 2.03 2.61
CA ILE A 190 -19.87 3.18 3.44
C ILE A 190 -19.09 4.19 2.59
N VAL A 191 -19.31 5.48 2.80
CA VAL A 191 -18.40 6.48 2.24
C VAL A 191 -17.64 7.12 3.39
N VAL A 192 -16.31 7.10 3.29
CA VAL A 192 -15.45 7.54 4.39
C VAL A 192 -14.06 7.79 3.84
N GLU A 193 -13.23 8.52 4.57
CA GLU A 193 -11.88 8.81 4.09
C GLU A 193 -11.01 7.56 4.04
N ASP A 194 -10.13 7.54 3.05
CA ASP A 194 -9.25 6.41 2.75
C ASP A 194 -8.42 5.96 3.95
N THR A 195 -7.74 6.90 4.60
N THR A 195 -7.75 6.92 4.58
CA THR A 195 -6.85 6.53 5.69
CA THR A 195 -6.86 6.62 5.69
C THR A 195 -7.63 5.93 6.87
C THR A 195 -7.61 5.97 6.85
N VAL A 196 -8.83 6.45 7.09
CA VAL A 196 -9.67 5.91 8.15
C VAL A 196 -10.22 4.52 7.80
N ALA A 197 -10.66 4.35 6.56
CA ALA A 197 -11.06 3.01 6.09
C ALA A 197 -9.94 2.00 6.29
N LYS A 198 -8.71 2.38 5.95
CA LYS A 198 -7.59 1.45 6.12
C LYS A 198 -7.42 1.05 7.58
N ALA A 199 -7.59 2.00 8.49
CA ALA A 199 -7.47 1.70 9.91
C ALA A 199 -8.54 0.70 10.36
N TYR A 200 -9.80 0.95 10.00
CA TYR A 200 -10.88 0.05 10.37
C TYR A 200 -10.71 -1.34 9.76
N LEU A 201 -10.17 -1.42 8.55
CA LEU A 201 -10.05 -2.68 7.85
C LEU A 201 -8.92 -3.57 8.41
N LYS A 202 -8.11 -3.02 9.31
CA LYS A 202 -7.18 -3.85 10.07
C LYS A 202 -7.94 -4.87 10.91
N GLU A 203 -9.12 -4.48 11.40
CA GLU A 203 -9.96 -5.39 12.14
C GLU A 203 -11.05 -6.02 11.28
N TYR A 204 -11.64 -5.22 10.39
CA TYR A 204 -12.70 -5.74 9.54
C TYR A 204 -12.13 -6.39 8.29
N LYS A 205 -11.66 -7.62 8.45
CA LYS A 205 -10.92 -8.32 7.42
C LYS A 205 -11.77 -8.76 6.22
N ASP A 206 -13.09 -8.71 6.36
CA ASP A 206 -13.97 -9.09 5.26
C ASP A 206 -14.48 -7.88 4.46
N MET A 207 -13.82 -6.74 4.63
CA MET A 207 -14.15 -5.55 3.87
C MET A 207 -13.00 -5.13 2.94
N LYS A 208 -13.35 -4.36 1.91
CA LYS A 208 -12.38 -3.82 0.97
C LYS A 208 -12.72 -2.38 0.61
N ILE A 209 -11.71 -1.66 0.16
CA ILE A 209 -11.88 -0.28 -0.27
C ILE A 209 -12.00 -0.26 -1.79
N LEU A 210 -13.00 0.46 -2.29
CA LEU A 210 -13.10 0.77 -3.71
C LEU A 210 -12.72 2.23 -3.93
N TYR A 211 -11.68 2.44 -4.72
CA TYR A 211 -11.24 3.78 -5.09
C TYR A 211 -12.00 4.25 -6.32
N MET A 212 -13.09 4.97 -6.10
CA MET A 212 -13.91 5.47 -7.20
C MET A 212 -13.64 6.95 -7.41
N ASP A 213 -13.24 7.32 -8.62
CA ASP A 213 -12.95 8.72 -8.94
C ASP A 213 -14.10 9.63 -8.49
N GLU A 214 -15.31 9.24 -8.84
CA GLU A 214 -16.43 10.17 -8.74
C GLU A 214 -16.91 10.44 -7.31
N ILE A 215 -16.60 9.55 -6.38
CA ILE A 215 -17.05 9.78 -5.01
C ILE A 215 -16.20 10.85 -4.34
N ASN A 216 -15.04 11.13 -4.91
CA ASN A 216 -14.11 12.10 -4.31
C ASN A 216 -14.32 13.54 -4.81
N ASN A 217 -15.45 13.80 -5.45
CA ASN A 217 -15.72 15.14 -5.99
C ASN A 217 -16.28 16.09 -4.94
N VAL A 218 -15.60 16.16 -3.80
CA VAL A 218 -15.92 17.10 -2.73
C VAL A 218 -14.63 17.78 -2.32
N GLU A 219 -14.74 18.82 -1.50
CA GLU A 219 -13.56 19.48 -0.96
C GLU A 219 -12.77 18.50 -0.09
N ASN A 220 -11.44 18.58 -0.16
CA ASN A 220 -10.57 17.64 0.53
C ASN A 220 -9.65 18.33 1.51
N GLY A 221 -8.96 17.53 2.31
CA GLY A 221 -7.97 18.04 3.24
C GLY A 221 -8.53 18.26 4.63
N SER A 222 -7.63 18.38 5.60
CA SER A 222 -8.00 18.64 6.99
C SER A 222 -7.31 19.89 7.53
N ALA A 223 -8.03 20.65 8.34
CA ALA A 223 -7.52 21.88 8.95
C ALA A 223 -8.09 22.03 10.34
N VAL A 224 -7.47 22.89 11.16
CA VAL A 224 -7.96 23.18 12.49
C VAL A 224 -9.02 24.27 12.41
N ALA A 225 -10.12 24.09 13.14
CA ALA A 225 -11.15 25.13 13.21
C ALA A 225 -11.13 25.87 14.53
N VAL A 226 -11.29 27.20 14.45
N VAL A 226 -11.39 27.17 14.44
CA VAL A 226 -11.48 28.03 15.63
CA VAL A 226 -11.43 28.04 15.60
C VAL A 226 -12.72 28.89 15.42
C VAL A 226 -12.66 28.93 15.41
N ALA A 227 -13.20 29.50 16.50
CA ALA A 227 -14.38 30.35 16.39
C ALA A 227 -14.12 31.53 15.46
N LYS A 228 -15.17 31.96 14.78
N LYS A 228 -15.18 31.95 14.78
CA LYS A 228 -15.10 33.11 13.88
CA LYS A 228 -15.10 33.10 13.88
C LYS A 228 -14.52 34.33 14.59
C LYS A 228 -14.52 34.32 14.59
N GLY A 229 -13.44 34.87 14.04
CA GLY A 229 -12.81 36.04 14.60
C GLY A 229 -11.77 35.82 15.68
N ASN A 230 -11.55 34.57 16.08
CA ASN A 230 -10.52 34.29 17.07
C ASN A 230 -9.15 34.27 16.40
N LYS A 231 -8.67 35.44 16.01
CA LYS A 231 -7.42 35.56 15.29
C LYS A 231 -6.22 35.19 16.13
N SER A 232 -6.25 35.53 17.42
CA SER A 232 -5.14 35.24 18.30
C SER A 232 -4.82 33.75 18.29
N LEU A 233 -5.85 32.92 18.46
CA LEU A 233 -5.64 31.48 18.47
C LEU A 233 -5.32 30.96 17.07
N LEU A 234 -6.01 31.46 16.06
CA LEU A 234 -5.76 31.02 14.69
C LEU A 234 -4.31 31.25 14.29
N ASP A 235 -3.76 32.41 14.66
CA ASP A 235 -2.38 32.72 14.29
C ASP A 235 -1.40 31.77 14.95
N VAL A 236 -1.62 31.48 16.23
CA VAL A 236 -0.79 30.49 16.93
C VAL A 236 -0.91 29.11 16.28
N VAL A 237 -2.12 28.70 15.93
CA VAL A 237 -2.30 27.39 15.29
C VAL A 237 -1.54 27.33 13.98
N ASN A 238 -1.65 28.35 13.17
CA ASN A 238 -0.95 28.37 11.91
C ASN A 238 0.55 28.38 12.08
N GLU A 239 1.03 29.11 13.07
CA GLU A 239 2.47 29.10 13.39
C GLU A 239 2.94 27.71 13.82
N VAL A 240 2.15 27.03 14.64
CA VAL A 240 2.54 25.70 15.12
C VAL A 240 2.56 24.69 13.99
N ILE A 241 1.55 24.73 13.12
CA ILE A 241 1.53 23.84 11.96
C ILE A 241 2.75 24.09 11.08
N LYS A 242 3.06 25.36 10.82
CA LYS A 242 4.23 25.70 10.03
C LYS A 242 5.51 25.20 10.71
N GLU A 243 5.65 25.43 12.01
N GLU A 243 5.60 25.47 12.01
CA GLU A 243 6.87 25.01 12.68
CA GLU A 243 6.74 25.04 12.82
C GLU A 243 7.00 23.48 12.75
C GLU A 243 6.96 23.53 12.74
N LEU A 244 5.88 22.77 12.91
CA LEU A 244 5.93 21.32 12.83
C LEU A 244 6.51 20.89 11.49
N LYS A 245 5.99 21.47 10.42
CA LYS A 245 6.44 21.12 9.08
C LYS A 245 7.89 21.48 8.84
N GLN A 246 8.30 22.66 9.30
CA GLN A 246 9.62 23.16 8.96
C GLN A 246 10.72 22.62 9.87
N SER A 247 10.35 22.05 11.02
CA SER A 247 11.34 21.57 12.00
C SER A 247 11.67 20.09 11.89
N GLY A 248 10.91 19.36 11.07
CA GLY A 248 11.06 17.92 11.03
C GLY A 248 10.05 17.17 11.87
N GLU A 249 9.40 17.85 12.82
CA GLU A 249 8.50 17.16 13.73
C GLU A 249 7.26 16.61 13.03
N TYR A 250 6.76 17.35 12.04
CA TYR A 250 5.62 16.90 11.25
C TYR A 250 5.88 15.58 10.57
N ASP A 251 7.05 15.48 9.96
CA ASP A 251 7.37 14.24 9.27
C ASP A 251 7.47 13.05 10.22
N LYS A 252 7.99 13.30 11.42
CA LYS A 252 8.02 12.26 12.46
C LYS A 252 6.59 11.82 12.82
N LEU A 253 5.69 12.77 12.96
CA LEU A 253 4.29 12.44 13.28
C LEU A 253 3.62 11.66 12.14
N VAL A 254 3.88 12.07 10.91
CA VAL A 254 3.29 11.41 9.77
C VAL A 254 3.78 9.97 9.66
N ASP A 255 5.07 9.76 9.88
CA ASP A 255 5.63 8.41 9.86
C ASP A 255 4.94 7.52 10.89
N LYS A 256 4.77 8.07 12.08
CA LYS A 256 4.22 7.36 13.23
C LYS A 256 2.77 6.92 12.99
N TRP A 257 1.97 7.77 12.34
CA TRP A 257 0.55 7.50 12.20
C TRP A 257 0.12 6.96 10.84
N PHE A 258 0.85 7.34 9.78
CA PHE A 258 0.39 7.03 8.42
C PHE A 258 1.30 6.11 7.62
N LYS A 259 2.48 5.80 8.14
CA LYS A 259 3.43 5.03 7.35
C LYS A 259 3.68 3.64 7.93
N GLN A 260 2.70 3.13 8.67
CA GLN A 260 2.78 1.80 9.25
C GLN A 260 2.07 0.77 8.38
N GLY B 37 11.05 -25.42 14.08
CA GLY B 37 9.91 -24.52 14.14
C GLY B 37 10.06 -23.33 13.20
N VAL B 38 10.91 -23.48 12.19
N VAL B 38 10.93 -23.49 12.21
CA VAL B 38 11.18 -22.40 11.26
CA VAL B 38 11.16 -22.42 11.23
C VAL B 38 11.33 -22.95 9.85
C VAL B 38 11.25 -23.00 9.84
N ILE B 39 10.85 -22.20 8.86
CA ILE B 39 11.17 -22.48 7.47
C ILE B 39 12.02 -21.30 6.97
N VAL B 40 13.13 -21.62 6.33
CA VAL B 40 14.04 -20.61 5.80
C VAL B 40 13.86 -20.50 4.30
N MET B 41 13.53 -19.29 3.84
N MET B 41 13.53 -19.29 3.83
N MET B 41 13.55 -19.28 3.84
CA MET B 41 13.39 -19.04 2.41
CA MET B 41 13.40 -19.08 2.40
CA MET B 41 13.35 -19.02 2.43
C MET B 41 14.49 -18.12 1.90
C MET B 41 14.48 -18.14 1.89
C MET B 41 14.45 -18.11 1.88
N GLY B 42 15.00 -18.45 0.72
CA GLY B 42 15.96 -17.60 0.04
C GLY B 42 15.21 -16.81 -1.03
N THR B 43 15.57 -15.55 -1.18
CA THR B 43 15.04 -14.77 -2.28
C THR B 43 16.03 -13.69 -2.66
N SER B 44 15.77 -13.02 -3.77
CA SER B 44 16.52 -11.85 -4.17
C SER B 44 15.52 -10.70 -4.24
N ALA B 45 15.54 -9.84 -3.23
CA ALA B 45 14.50 -8.83 -3.04
C ALA B 45 14.80 -7.52 -3.81
N ASP B 46 15.00 -7.69 -5.11
CA ASP B 46 15.25 -6.61 -6.06
C ASP B 46 14.25 -6.68 -7.19
N PHE B 47 13.10 -7.29 -6.92
CA PHE B 47 12.23 -7.77 -7.99
C PHE B 47 10.76 -7.44 -7.69
N PRO B 48 10.47 -6.14 -7.52
CA PRO B 48 9.07 -5.75 -7.29
C PRO B 48 8.20 -6.08 -8.48
N PRO B 49 6.96 -6.52 -8.28
CA PRO B 49 6.22 -6.69 -7.02
C PRO B 49 6.29 -8.07 -6.39
N PHE B 50 7.24 -8.90 -6.82
CA PHE B 50 7.38 -10.25 -6.26
C PHE B 50 8.05 -10.22 -4.90
N GLU B 51 9.20 -9.56 -4.83
CA GLU B 51 9.91 -9.37 -3.58
C GLU B 51 10.74 -8.10 -3.66
N PHE B 52 10.61 -7.26 -2.66
CA PHE B 52 11.35 -6.01 -2.61
C PHE B 52 11.36 -5.50 -1.19
N HIS B 53 12.27 -4.57 -0.89
CA HIS B 53 12.31 -3.93 0.41
C HIS B 53 11.40 -2.71 0.45
N LYS B 54 10.42 -2.76 1.32
CA LYS B 54 9.57 -1.61 1.60
C LYS B 54 10.14 -0.96 2.84
N VAL B 55 10.68 0.25 2.66
CA VAL B 55 11.43 0.92 3.70
C VAL B 55 10.73 2.22 4.01
N GLU B 56 9.94 2.19 5.08
CA GLU B 56 9.17 3.36 5.53
C GLU B 56 8.61 3.14 6.92
N GLY B 57 8.33 4.24 7.61
CA GLY B 57 7.74 4.19 8.93
C GLY B 57 8.61 3.51 9.96
N GLY B 58 9.93 3.48 9.72
CA GLY B 58 10.85 2.85 10.66
C GLY B 58 10.92 1.35 10.46
N LYS B 59 10.46 0.88 9.31
N LYS B 59 10.48 0.89 9.30
CA LYS B 59 10.51 -0.54 8.99
CA LYS B 59 10.53 -0.54 8.99
C LYS B 59 11.35 -0.79 7.74
C LYS B 59 11.35 -0.79 7.74
N ASP B 60 12.00 -1.95 7.69
CA ASP B 60 12.61 -2.44 6.46
C ASP B 60 12.03 -3.84 6.30
N GLU B 61 10.99 -3.96 5.49
CA GLU B 61 10.28 -5.22 5.36
C GLU B 61 10.44 -5.77 3.96
N ILE B 62 10.74 -7.05 3.84
CA ILE B 62 10.73 -7.70 2.54
C ILE B 62 9.32 -8.15 2.26
N VAL B 63 8.73 -7.58 1.21
CA VAL B 63 7.31 -7.78 0.92
C VAL B 63 7.12 -8.11 -0.56
N GLY B 64 5.92 -8.55 -0.91
CA GLY B 64 5.56 -8.78 -2.30
C GLY B 64 4.72 -10.03 -2.45
N PHE B 65 4.33 -10.30 -3.69
CA PHE B 65 3.52 -11.47 -4.02
C PHE B 65 4.17 -12.76 -3.53
N ASP B 66 5.45 -12.91 -3.79
CA ASP B 66 6.15 -14.13 -3.38
C ASP B 66 6.23 -14.25 -1.87
N ILE B 67 6.30 -13.12 -1.17
CA ILE B 67 6.34 -13.14 0.29
C ILE B 67 4.98 -13.55 0.87
N ASP B 68 3.91 -13.09 0.25
CA ASP B 68 2.57 -13.51 0.69
C ASP B 68 2.40 -15.01 0.48
N ILE B 69 2.93 -15.54 -0.60
CA ILE B 69 2.88 -16.99 -0.84
C ILE B 69 3.72 -17.70 0.23
N ALA B 70 4.90 -17.17 0.50
CA ALA B 70 5.76 -17.77 1.52
C ALA B 70 5.10 -17.81 2.88
N ASN B 71 4.40 -16.73 3.24
CA ASN B 71 3.72 -16.73 4.53
C ASN B 71 2.56 -17.70 4.59
N ALA B 72 1.88 -17.92 3.47
CA ALA B 72 0.83 -18.94 3.43
C ALA B 72 1.42 -20.34 3.62
N ILE B 73 2.61 -20.60 3.07
CA ILE B 73 3.27 -21.88 3.26
C ILE B 73 3.68 -22.05 4.73
N ALA B 74 4.28 -21.01 5.31
CA ALA B 74 4.72 -21.06 6.71
C ALA B 74 3.54 -21.29 7.64
N LYS B 75 2.40 -20.66 7.34
CA LYS B 75 1.21 -20.84 8.17
C LYS B 75 0.66 -22.25 8.08
N LYS B 76 0.69 -22.84 6.88
CA LYS B 76 0.24 -24.22 6.71
C LYS B 76 1.13 -25.17 7.50
N LEU B 77 2.43 -24.89 7.53
CA LEU B 77 3.39 -25.71 8.27
C LEU B 77 3.35 -25.45 9.77
N GLY B 78 2.81 -24.30 10.17
CA GLY B 78 2.79 -23.90 11.57
C GLY B 78 4.16 -23.50 12.08
N VAL B 79 4.94 -22.83 11.24
CA VAL B 79 6.29 -22.44 11.59
C VAL B 79 6.54 -20.96 11.31
N LYS B 80 7.65 -20.46 11.85
CA LYS B 80 8.09 -19.08 11.61
C LYS B 80 8.76 -19.03 10.25
N LEU B 81 8.50 -17.98 9.49
CA LEU B 81 9.21 -17.74 8.23
C LEU B 81 10.42 -16.85 8.47
N GLU B 82 11.58 -17.32 8.05
CA GLU B 82 12.79 -16.50 8.01
C GLU B 82 13.22 -16.33 6.55
N ILE B 83 13.49 -15.09 6.16
CA ILE B 83 13.89 -14.79 4.79
C ILE B 83 15.36 -14.37 4.73
N LYS B 84 16.12 -15.01 3.84
CA LYS B 84 17.47 -14.60 3.54
C LYS B 84 17.49 -13.93 2.18
N ASP B 85 17.83 -12.64 2.13
CA ASP B 85 17.97 -11.89 0.89
C ASP B 85 19.39 -12.04 0.37
N MET B 86 19.52 -12.51 -0.86
CA MET B 86 20.84 -12.72 -1.44
C MET B 86 20.76 -12.48 -2.94
N ASP B 87 21.92 -12.37 -3.58
CA ASP B 87 21.96 -12.24 -5.03
C ASP B 87 21.24 -13.42 -5.67
N PHE B 88 20.45 -13.15 -6.71
CA PHE B 88 19.68 -14.22 -7.35
C PHE B 88 20.53 -15.43 -7.70
N LYS B 89 21.74 -15.19 -8.21
CA LYS B 89 22.63 -16.25 -8.67
C LYS B 89 23.03 -17.23 -7.57
N GLY B 90 22.91 -16.81 -6.30
CA GLY B 90 23.27 -17.67 -5.19
C GLY B 90 22.13 -18.54 -4.68
N LEU B 91 20.93 -18.33 -5.21
CA LEU B 91 19.75 -19.00 -4.65
C LEU B 91 19.74 -20.51 -4.85
N ILE B 92 19.92 -20.98 -6.08
CA ILE B 92 20.02 -22.41 -6.32
C ILE B 92 21.18 -23.07 -5.53
N PRO B 93 22.39 -22.47 -5.55
CA PRO B 93 23.46 -23.02 -4.70
C PRO B 93 23.09 -23.11 -3.22
N ALA B 94 22.44 -22.08 -2.67
CA ALA B 94 22.03 -22.11 -1.27
C ALA B 94 21.04 -23.24 -0.99
N LEU B 95 20.12 -23.46 -1.92
CA LEU B 95 19.10 -24.48 -1.76
C LEU B 95 19.71 -25.88 -1.83
N GLN B 96 20.61 -26.08 -2.79
CA GLN B 96 21.33 -27.34 -2.94
C GLN B 96 22.12 -27.68 -1.68
N ALA B 97 22.75 -26.67 -1.08
CA ALA B 97 23.57 -26.88 0.11
C ALA B 97 22.78 -26.90 1.41
N GLY B 98 21.47 -26.66 1.32
CA GLY B 98 20.62 -26.69 2.49
C GLY B 98 20.69 -25.46 3.37
N ARG B 99 21.27 -24.38 2.83
CA ARG B 99 21.32 -23.10 3.54
C ARG B 99 19.96 -22.40 3.55
N VAL B 100 19.08 -22.75 2.61
CA VAL B 100 17.67 -22.38 2.71
C VAL B 100 16.83 -23.63 2.45
N ASP B 101 15.56 -23.59 2.87
CA ASP B 101 14.65 -24.72 2.66
C ASP B 101 13.85 -24.61 1.37
N MET B 102 13.59 -23.38 0.93
CA MET B 102 12.88 -23.16 -0.31
C MET B 102 13.31 -21.82 -0.89
N VAL B 103 13.10 -21.67 -2.20
CA VAL B 103 13.38 -20.42 -2.88
C VAL B 103 12.11 -19.96 -3.56
N ILE B 104 11.69 -18.74 -3.25
CA ILE B 104 10.61 -18.09 -3.99
C ILE B 104 11.17 -16.76 -4.46
N ALA B 105 11.33 -16.61 -5.77
CA ALA B 105 12.03 -15.44 -6.31
C ALA B 105 11.70 -15.18 -7.76
N GLY B 106 10.40 -15.26 -8.10
CA GLY B 106 9.98 -15.14 -9.49
C GLY B 106 10.80 -16.08 -10.38
N MET B 107 11.07 -17.27 -9.85
CA MET B 107 12.02 -18.20 -10.46
C MET B 107 11.38 -19.15 -11.45
N THR B 108 11.90 -19.17 -12.67
CA THR B 108 11.36 -20.02 -13.72
C THR B 108 11.85 -21.46 -13.58
N PRO B 109 10.91 -22.43 -13.66
CA PRO B 109 11.29 -23.84 -13.53
C PRO B 109 11.84 -24.41 -14.84
N THR B 110 13.05 -23.99 -15.20
CA THR B 110 13.66 -24.43 -16.45
C THR B 110 14.06 -25.88 -16.41
N ALA B 111 14.08 -26.52 -17.58
CA ALA B 111 14.54 -27.90 -17.69
C ALA B 111 15.92 -28.09 -17.07
N GLU B 112 16.83 -27.15 -17.34
CA GLU B 112 18.16 -27.23 -16.78
C GLU B 112 18.14 -27.20 -15.25
N ARG B 113 17.39 -26.26 -14.68
CA ARG B 113 17.31 -26.16 -13.23
C ARG B 113 16.70 -27.40 -12.58
N LYS B 114 15.74 -28.03 -13.27
CA LYS B 114 15.07 -29.21 -12.74
C LYS B 114 16.03 -30.38 -12.52
N LYS B 115 17.21 -30.32 -13.14
CA LYS B 115 18.19 -31.37 -12.94
C LYS B 115 18.85 -31.25 -11.56
N SER B 116 18.74 -30.07 -10.96
CA SER B 116 19.45 -29.77 -9.72
C SER B 116 18.53 -29.57 -8.50
N VAL B 117 17.35 -29.01 -8.75
CA VAL B 117 16.35 -28.79 -7.69
C VAL B 117 14.96 -29.18 -8.19
N ASP B 118 13.98 -29.29 -7.28
CA ASP B 118 12.62 -29.59 -7.70
C ASP B 118 11.77 -28.33 -7.67
N PHE B 119 10.80 -28.26 -8.56
CA PHE B 119 9.89 -27.11 -8.61
C PHE B 119 8.44 -27.45 -8.36
N SER B 120 7.74 -26.52 -7.71
CA SER B 120 6.30 -26.60 -7.56
C SER B 120 5.61 -26.40 -8.91
N ASP B 121 4.30 -26.54 -8.90
CA ASP B 121 3.47 -26.06 -10.00
C ASP B 121 3.70 -24.57 -10.18
N LEU B 122 3.52 -24.10 -11.41
CA LEU B 122 3.61 -22.66 -11.68
C LEU B 122 2.58 -21.90 -10.86
N TYR B 123 2.96 -20.73 -10.37
CA TYR B 123 2.02 -19.89 -9.65
C TYR B 123 1.79 -18.52 -10.32
N TYR B 124 2.55 -18.23 -11.38
CA TYR B 124 2.34 -17.00 -12.14
C TYR B 124 3.05 -17.10 -13.47
N ASP B 125 2.50 -16.46 -14.50
CA ASP B 125 3.15 -16.44 -15.79
C ASP B 125 4.20 -15.33 -15.79
N SER B 126 5.07 -15.32 -16.78
CA SER B 126 5.97 -14.19 -16.97
C SER B 126 6.33 -14.01 -18.44
N ARG B 127 6.88 -12.85 -18.76
N ARG B 127 6.83 -12.83 -18.77
CA ARG B 127 7.26 -12.50 -20.11
CA ARG B 127 7.25 -12.48 -20.12
C ARG B 127 8.50 -11.61 -20.07
C ARG B 127 8.50 -11.62 -20.06
N GLN B 128 9.49 -11.94 -20.89
CA GLN B 128 10.69 -11.11 -21.03
C GLN B 128 10.39 -9.92 -21.91
N VAL B 129 10.88 -8.75 -21.49
CA VAL B 129 10.81 -7.55 -22.30
C VAL B 129 12.16 -6.83 -22.33
N VAL B 130 12.24 -5.80 -23.16
CA VAL B 130 13.42 -4.95 -23.24
C VAL B 130 13.06 -3.57 -22.70
N VAL B 131 13.94 -2.99 -21.87
CA VAL B 131 13.75 -1.64 -21.38
C VAL B 131 14.85 -0.75 -21.96
N VAL B 132 14.45 0.42 -22.44
CA VAL B 132 15.37 1.41 -23.02
C VAL B 132 14.95 2.79 -22.57
N LYS B 133 15.80 3.79 -22.81
CA LYS B 133 15.42 5.18 -22.52
C LYS B 133 14.41 5.63 -23.56
N ASN B 134 13.62 6.65 -23.23
CA ASN B 134 12.61 7.15 -24.15
C ASN B 134 13.16 7.59 -25.51
N ASP B 135 14.38 8.12 -25.53
CA ASP B 135 14.97 8.59 -26.78
C ASP B 135 15.95 7.60 -27.37
N SER B 136 15.84 6.34 -26.98
CA SER B 136 16.72 5.29 -27.49
C SER B 136 16.58 5.16 -29.00
N PRO B 137 17.68 4.85 -29.68
CA PRO B 137 17.61 4.52 -31.12
C PRO B 137 17.14 3.09 -31.36
N ILE B 138 16.93 2.32 -30.29
CA ILE B 138 16.46 0.95 -30.43
C ILE B 138 14.94 0.89 -30.53
N SER B 139 14.42 0.25 -31.59
CA SER B 139 12.97 0.13 -31.79
C SER B 139 12.53 -1.31 -31.91
N LYS B 140 13.44 -2.18 -32.34
CA LYS B 140 13.07 -3.56 -32.60
C LYS B 140 14.22 -4.51 -32.31
N PHE B 141 13.91 -5.81 -32.36
CA PHE B 141 14.85 -6.84 -31.97
C PHE B 141 16.17 -6.78 -32.74
N ASP B 142 16.10 -6.50 -34.04
CA ASP B 142 17.31 -6.44 -34.84
C ASP B 142 18.24 -5.31 -34.39
N ASP B 143 17.68 -4.26 -33.79
CA ASP B 143 18.47 -3.13 -33.32
C ASP B 143 19.34 -3.47 -32.10
N LEU B 144 19.11 -4.62 -31.49
CA LEU B 144 19.89 -5.05 -30.33
C LEU B 144 21.26 -5.59 -30.68
N LYS B 145 21.48 -5.91 -31.95
CA LYS B 145 22.78 -6.43 -32.38
C LYS B 145 23.91 -5.46 -31.98
N VAL B 146 24.99 -6.02 -31.46
CA VAL B 146 26.21 -5.28 -31.09
C VAL B 146 26.01 -4.29 -29.92
N LYS B 147 24.86 -4.37 -29.26
N LYS B 147 24.86 -4.37 -29.26
CA LYS B 147 24.58 -3.46 -28.17
CA LYS B 147 24.57 -3.46 -28.16
C LYS B 147 25.03 -4.00 -26.81
C LYS B 147 25.03 -4.00 -26.80
N THR B 148 25.17 -3.08 -25.85
CA THR B 148 25.50 -3.44 -24.48
C THR B 148 24.19 -3.63 -23.74
N ILE B 149 23.97 -4.85 -23.25
CA ILE B 149 22.69 -5.23 -22.65
C ILE B 149 22.92 -5.65 -21.22
N ALA B 150 22.26 -4.95 -20.29
CA ALA B 150 22.35 -5.29 -18.86
C ALA B 150 21.37 -6.41 -18.54
N VAL B 151 21.86 -7.41 -17.81
CA VAL B 151 21.06 -8.56 -17.40
C VAL B 151 21.51 -9.04 -16.04
N GLN B 152 20.61 -9.76 -15.36
CA GLN B 152 20.91 -10.33 -14.07
C GLN B 152 21.59 -11.69 -14.22
N ILE B 153 22.73 -11.83 -13.56
CA ILE B 153 23.46 -13.09 -13.58
C ILE B 153 22.60 -14.27 -13.11
N GLY B 154 22.63 -15.33 -13.90
CA GLY B 154 22.02 -16.59 -13.52
C GLY B 154 20.56 -16.70 -13.93
N THR B 155 20.11 -15.80 -14.79
CA THR B 155 18.69 -15.72 -15.11
C THR B 155 18.31 -16.12 -16.53
N THR B 156 17.03 -16.37 -16.72
CA THR B 156 16.50 -16.57 -18.07
C THR B 156 16.61 -15.30 -18.91
N SER B 157 16.62 -14.13 -18.27
CA SER B 157 16.82 -12.87 -18.97
C SER B 157 18.22 -12.84 -19.57
N GLU B 158 19.19 -13.28 -18.78
CA GLU B 158 20.56 -13.43 -19.27
C GLU B 158 20.63 -14.42 -20.43
N GLU B 159 19.94 -15.55 -20.28
CA GLU B 159 19.88 -16.55 -21.36
C GLU B 159 19.34 -15.95 -22.66
N ALA B 160 18.29 -15.12 -22.54
CA ALA B 160 17.69 -14.51 -23.72
C ALA B 160 18.67 -13.54 -24.39
N ALA B 161 19.35 -12.74 -23.57
CA ALA B 161 20.25 -11.73 -24.12
C ALA B 161 21.47 -12.34 -24.79
N LYS B 162 21.92 -13.48 -24.29
CA LYS B 162 23.09 -14.15 -24.85
C LYS B 162 22.92 -14.53 -26.31
N LYS B 163 21.67 -14.70 -26.75
CA LYS B 163 21.36 -15.10 -28.12
C LYS B 163 21.41 -13.94 -29.11
N ILE B 164 21.55 -12.72 -28.60
CA ILE B 164 21.60 -11.53 -29.45
C ILE B 164 22.97 -11.49 -30.14
N PRO B 165 22.97 -11.40 -31.49
CA PRO B 165 24.23 -11.42 -32.23
C PRO B 165 25.18 -10.31 -31.77
N ASN B 166 26.42 -10.69 -31.48
CA ASN B 166 27.47 -9.75 -31.10
C ASN B 166 27.14 -8.91 -29.88
N VAL B 167 26.30 -9.46 -29.01
CA VAL B 167 25.89 -8.76 -27.81
C VAL B 167 27.09 -8.51 -26.89
N LYS B 168 27.08 -7.36 -26.24
CA LYS B 168 28.03 -7.07 -25.17
C LYS B 168 27.26 -7.16 -23.85
N LEU B 169 27.37 -8.29 -23.18
N LEU B 169 27.34 -8.30 -23.18
CA LEU B 169 26.62 -8.53 -21.94
CA LEU B 169 26.59 -8.50 -21.94
C LEU B 169 27.20 -7.71 -20.80
C LEU B 169 27.19 -7.68 -20.82
N LYS B 170 26.34 -7.01 -20.06
CA LYS B 170 26.76 -6.35 -18.82
C LYS B 170 26.03 -7.10 -17.71
N GLN B 171 26.79 -7.84 -16.92
CA GLN B 171 26.21 -8.79 -15.98
C GLN B 171 26.18 -8.24 -14.56
N LEU B 172 24.99 -8.20 -13.98
CA LEU B 172 24.80 -7.61 -12.65
C LEU B 172 24.26 -8.63 -11.65
N ASN B 173 24.68 -8.51 -10.40
CA ASN B 173 24.09 -9.32 -9.34
C ASN B 173 22.63 -9.01 -9.12
N ARG B 174 22.32 -7.71 -9.10
CA ARG B 174 21.00 -7.21 -8.70
C ARG B 174 20.35 -6.35 -9.77
N VAL B 175 19.05 -6.52 -9.93
CA VAL B 175 18.28 -5.80 -10.95
C VAL B 175 18.33 -4.29 -10.76
N SER B 176 18.39 -3.84 -9.51
CA SER B 176 18.45 -2.41 -9.24
C SER B 176 19.65 -1.74 -9.93
N ASP B 177 20.78 -2.45 -10.02
CA ASP B 177 21.94 -1.88 -10.69
C ASP B 177 21.79 -1.84 -12.21
N GLU B 178 20.99 -2.76 -12.76
CA GLU B 178 20.71 -2.73 -14.18
C GLU B 178 19.98 -1.45 -14.56
N PHE B 179 19.01 -1.06 -13.73
CA PHE B 179 18.29 0.17 -14.00
C PHE B 179 19.16 1.41 -13.79
N MET B 180 20.07 1.36 -12.81
CA MET B 180 21.03 2.46 -12.65
C MET B 180 21.96 2.56 -13.85
N ASP B 181 22.35 1.43 -14.42
CA ASP B 181 23.20 1.42 -15.61
C ASP B 181 22.50 2.10 -16.78
N LEU B 182 21.25 1.74 -17.01
CA LEU B 182 20.52 2.30 -18.14
C LEU B 182 20.28 3.79 -17.95
N GLN B 183 19.92 4.20 -16.74
CA GLN B 183 19.69 5.61 -16.45
C GLN B 183 20.95 6.44 -16.72
N ASN B 184 22.10 5.86 -16.41
N ASN B 184 22.10 5.86 -16.42
CA ASN B 184 23.38 6.56 -16.54
CA ASN B 184 23.36 6.56 -16.54
C ASN B 184 24.13 6.27 -17.83
C ASN B 184 24.13 6.27 -17.83
N GLY B 185 23.47 5.62 -18.78
CA GLY B 185 24.06 5.38 -20.08
C GLY B 185 25.15 4.32 -20.14
N ARG B 186 25.23 3.47 -19.13
CA ARG B 186 26.26 2.45 -19.09
C ARG B 186 25.86 1.17 -19.82
N CYS B 187 24.62 1.16 -20.34
CA CYS B 187 24.17 0.11 -21.23
C CYS B 187 23.13 0.71 -22.16
N ASP B 188 22.79 -0.03 -23.21
CA ASP B 188 21.85 0.42 -24.22
C ASP B 188 20.45 -0.08 -23.94
N ALA B 189 20.34 -1.19 -23.20
CA ALA B 189 19.05 -1.79 -22.90
C ALA B 189 19.18 -2.73 -21.74
N ILE B 190 18.04 -3.08 -21.14
CA ILE B 190 17.96 -4.08 -20.09
C ILE B 190 17.03 -5.18 -20.59
N VAL B 191 17.32 -6.43 -20.29
CA VAL B 191 16.32 -7.49 -20.47
C VAL B 191 15.86 -7.95 -19.09
N VAL B 192 14.54 -7.93 -18.88
CA VAL B 192 13.97 -8.19 -17.56
C VAL B 192 12.49 -8.50 -17.76
N GLU B 193 11.86 -9.09 -16.76
CA GLU B 193 10.45 -9.42 -16.90
C GLU B 193 9.53 -8.20 -16.89
N ASP B 194 8.45 -8.30 -17.66
CA ASP B 194 7.50 -7.23 -17.88
C ASP B 194 6.96 -6.59 -16.60
N THR B 195 6.45 -7.42 -15.68
N THR B 195 6.46 -7.44 -15.70
CA THR B 195 5.83 -6.88 -14.47
CA THR B 195 5.84 -6.97 -14.48
C THR B 195 6.84 -6.14 -13.60
C THR B 195 6.83 -6.18 -13.60
N VAL B 196 8.08 -6.62 -13.62
CA VAL B 196 9.14 -5.97 -12.85
C VAL B 196 9.59 -4.66 -13.51
N ALA B 197 9.72 -4.67 -14.83
CA ALA B 197 9.98 -3.43 -15.56
C ALA B 197 8.91 -2.37 -15.25
N LYS B 198 7.64 -2.76 -15.23
CA LYS B 198 6.57 -1.81 -14.95
C LYS B 198 6.75 -1.21 -13.56
N ALA B 199 7.15 -2.03 -12.59
CA ALA B 199 7.36 -1.54 -11.23
C ALA B 199 8.48 -0.51 -11.17
N TYR B 200 9.62 -0.82 -11.79
CA TYR B 200 10.73 0.13 -11.79
C TYR B 200 10.41 1.42 -12.54
N LEU B 201 9.61 1.32 -13.59
CA LEU B 201 9.29 2.47 -14.43
C LEU B 201 8.31 3.46 -13.76
N LYS B 202 7.72 3.06 -12.63
CA LYS B 202 6.98 4.02 -11.81
C LYS B 202 7.91 5.11 -11.30
N GLU B 203 9.17 4.76 -11.05
CA GLU B 203 10.16 5.74 -10.61
C GLU B 203 11.01 6.24 -11.77
N TYR B 204 11.40 5.34 -12.67
CA TYR B 204 12.23 5.72 -13.80
C TYR B 204 11.37 6.20 -14.98
N LYS B 205 10.94 7.46 -14.90
CA LYS B 205 9.97 8.02 -15.83
C LYS B 205 10.52 8.25 -17.23
N ASP B 206 11.83 8.21 -17.39
CA ASP B 206 12.43 8.42 -18.71
C ASP B 206 12.77 7.09 -19.41
N MET B 207 12.17 6.00 -18.94
CA MET B 207 12.34 4.70 -19.60
C MET B 207 11.03 4.18 -20.16
N LYS B 208 11.14 3.27 -21.12
CA LYS B 208 9.99 2.63 -21.73
C LYS B 208 10.25 1.16 -21.97
N ILE B 209 9.17 0.39 -22.03
CA ILE B 209 9.25 -1.03 -22.30
C ILE B 209 9.03 -1.30 -23.79
N LEU B 210 9.89 -2.11 -24.38
CA LEU B 210 9.68 -2.60 -25.74
C LEU B 210 9.28 -4.07 -25.71
N TYR B 211 8.07 -4.34 -26.20
CA TYR B 211 7.57 -5.71 -26.27
C TYR B 211 8.03 -6.37 -27.57
N MET B 212 9.18 -7.03 -27.51
CA MET B 212 9.73 -7.71 -28.69
C MET B 212 9.44 -9.18 -28.60
N ASP B 213 8.81 -9.72 -29.63
CA ASP B 213 8.47 -11.14 -29.67
C ASP B 213 9.69 -12.00 -29.40
N GLU B 214 10.80 -11.70 -30.05
CA GLU B 214 11.90 -12.63 -30.09
C GLU B 214 12.69 -12.74 -28.78
N ILE B 215 12.63 -11.71 -27.93
CA ILE B 215 13.38 -11.75 -26.69
C ILE B 215 12.72 -12.69 -25.69
N ASN B 216 11.47 -13.04 -25.95
CA ASN B 216 10.71 -13.89 -25.02
C ASN B 216 10.81 -15.38 -25.34
N ASN B 217 11.75 -15.75 -26.18
CA ASN B 217 11.92 -17.15 -26.60
C ASN B 217 12.74 -17.95 -25.59
N VAL B 218 12.34 -17.87 -24.32
N VAL B 218 12.24 -17.97 -24.37
CA VAL B 218 12.92 -18.66 -23.25
CA VAL B 218 12.92 -18.62 -23.26
C VAL B 218 11.78 -19.25 -22.44
C VAL B 218 11.79 -19.21 -22.42
N GLU B 219 12.09 -20.18 -21.56
CA GLU B 219 11.09 -20.74 -20.66
C GLU B 219 10.49 -19.62 -19.79
N ASN B 220 9.18 -19.72 -19.52
CA ASN B 220 8.45 -18.65 -18.82
C ASN B 220 7.80 -19.16 -17.54
N GLY B 221 7.35 -18.22 -16.72
CA GLY B 221 6.59 -18.54 -15.53
C GLY B 221 7.43 -18.61 -14.28
N SER B 222 6.76 -18.63 -13.13
CA SER B 222 7.44 -18.69 -11.84
C SER B 222 6.91 -19.84 -10.99
N ALA B 223 7.82 -20.51 -10.29
CA ALA B 223 7.48 -21.61 -9.40
C ALA B 223 8.37 -21.58 -8.17
N VAL B 224 7.97 -22.31 -7.13
CA VAL B 224 8.75 -22.40 -5.92
C VAL B 224 9.77 -23.52 -6.07
N ALA B 225 11.01 -23.27 -5.66
CA ALA B 225 12.02 -24.30 -5.69
C ALA B 225 12.30 -24.89 -4.31
N VAL B 226 12.45 -26.21 -4.25
N VAL B 226 12.53 -26.20 -4.28
CA VAL B 226 12.92 -26.88 -3.05
CA VAL B 226 12.85 -26.93 -3.07
C VAL B 226 14.10 -27.78 -3.42
C VAL B 226 14.01 -27.86 -3.41
N ALA B 227 14.81 -28.26 -2.42
CA ALA B 227 15.96 -29.12 -2.68
C ALA B 227 15.53 -30.43 -3.32
N LYS B 228 16.38 -30.96 -4.18
N LYS B 228 16.41 -30.97 -4.15
CA LYS B 228 16.15 -32.24 -4.82
CA LYS B 228 16.21 -32.28 -4.76
C LYS B 228 15.82 -33.31 -3.78
C LYS B 228 15.80 -33.30 -3.71
N GLY B 229 14.68 -33.98 -3.96
CA GLY B 229 14.25 -35.03 -3.07
C GLY B 229 13.44 -34.65 -1.85
N ASN B 230 13.24 -33.35 -1.62
CA ASN B 230 12.44 -32.90 -0.48
C ASN B 230 10.94 -32.91 -0.83
N LYS B 231 10.38 -34.12 -0.94
CA LYS B 231 9.00 -34.28 -1.38
C LYS B 231 7.99 -33.84 -0.33
N SER B 232 8.35 -33.97 0.94
CA SER B 232 7.48 -33.55 2.02
C SER B 232 7.13 -32.08 1.89
N LEU B 233 8.16 -31.25 1.72
CA LEU B 233 7.95 -29.82 1.59
C LEU B 233 7.31 -29.48 0.24
N LEU B 234 7.76 -30.13 -0.83
CA LEU B 234 7.21 -29.87 -2.16
C LEU B 234 5.71 -30.12 -2.19
N ASP B 235 5.28 -31.21 -1.57
CA ASP B 235 3.87 -31.54 -1.51
C ASP B 235 3.06 -30.47 -0.79
N VAL B 236 3.59 -29.98 0.34
CA VAL B 236 2.92 -28.90 1.06
C VAL B 236 2.86 -27.63 0.22
N VAL B 237 3.94 -27.31 -0.43
CA VAL B 237 3.98 -26.12 -1.28
C VAL B 237 2.91 -26.20 -2.39
N ASN B 238 2.82 -27.34 -3.03
CA ASN B 238 1.85 -27.51 -4.07
C ASN B 238 0.42 -27.45 -3.54
N GLU B 239 0.21 -28.00 -2.36
CA GLU B 239 -1.12 -27.93 -1.75
C GLU B 239 -1.54 -26.51 -1.42
N VAL B 240 -0.57 -25.74 -0.95
CA VAL B 240 -0.83 -24.35 -0.60
C VAL B 240 -1.11 -23.53 -1.86
N ILE B 241 -0.31 -23.70 -2.89
CA ILE B 241 -0.58 -22.99 -4.14
C ILE B 241 -1.98 -23.31 -4.66
N LYS B 242 -2.31 -24.59 -4.70
N LYS B 242 -2.35 -24.59 -4.67
CA LYS B 242 -3.62 -25.02 -5.18
CA LYS B 242 -3.69 -24.98 -5.09
C LYS B 242 -4.74 -24.45 -4.33
C LYS B 242 -4.76 -24.43 -4.16
N GLU B 243 -4.58 -24.48 -3.01
N GLU B 243 -4.52 -24.52 -2.85
CA GLU B 243 -5.62 -23.96 -2.13
CA GLU B 243 -5.45 -23.94 -1.89
C GLU B 243 -5.76 -22.44 -2.23
C GLU B 243 -5.73 -22.48 -2.17
N LEU B 244 -4.66 -21.72 -2.41
CA LEU B 244 -4.76 -20.29 -2.66
C LEU B 244 -5.63 -20.03 -3.89
N LYS B 245 -5.35 -20.76 -4.97
N LYS B 245 -5.34 -20.76 -4.96
CA LYS B 245 -6.10 -20.59 -6.22
CA LYS B 245 -6.08 -20.60 -6.22
C LYS B 245 -7.56 -20.98 -6.06
C LYS B 245 -7.55 -20.99 -6.07
N GLN B 246 -7.80 -22.09 -5.39
CA GLN B 246 -9.16 -22.63 -5.30
C GLN B 246 -10.04 -21.92 -4.27
N SER B 247 -9.43 -21.20 -3.34
CA SER B 247 -10.18 -20.57 -2.24
C SER B 247 -10.56 -19.12 -2.48
N GLY B 248 -10.00 -18.52 -3.51
CA GLY B 248 -10.19 -17.10 -3.74
C GLY B 248 -9.03 -16.25 -3.26
N GLU B 249 -8.16 -16.82 -2.43
CA GLU B 249 -7.10 -16.02 -1.82
C GLU B 249 -6.05 -15.59 -2.84
N TYR B 250 -5.76 -16.47 -3.79
CA TYR B 250 -4.82 -16.17 -4.86
C TYR B 250 -5.27 -14.95 -5.64
N ASP B 251 -6.56 -14.92 -5.98
CA ASP B 251 -7.06 -13.79 -6.75
C ASP B 251 -6.94 -12.47 -5.99
N LYS B 252 -7.16 -12.52 -4.68
CA LYS B 252 -6.99 -11.34 -3.83
C LYS B 252 -5.53 -10.86 -3.86
N LEU B 253 -4.60 -11.80 -3.76
CA LEU B 253 -3.18 -11.46 -3.83
C LEU B 253 -2.79 -10.87 -5.18
N VAL B 254 -3.33 -11.44 -6.25
CA VAL B 254 -3.02 -10.94 -7.59
C VAL B 254 -3.54 -9.51 -7.77
N ASP B 255 -4.76 -9.24 -7.33
CA ASP B 255 -5.31 -7.89 -7.41
C ASP B 255 -4.44 -6.91 -6.68
N LYS B 256 -4.00 -7.31 -5.49
N LYS B 256 -3.99 -7.30 -5.49
CA LYS B 256 -3.20 -6.46 -4.61
CA LYS B 256 -3.20 -6.44 -4.63
C LYS B 256 -1.84 -6.08 -5.21
C LYS B 256 -1.85 -6.07 -5.24
N TRP B 257 -1.20 -7.03 -5.88
CA TRP B 257 0.16 -6.79 -6.39
C TRP B 257 0.25 -6.42 -7.86
N PHE B 258 -0.66 -6.94 -8.67
CA PHE B 258 -0.52 -6.84 -10.13
C PHE B 258 -1.57 -6.01 -10.84
N LYS B 259 -2.62 -5.59 -10.12
CA LYS B 259 -3.73 -4.91 -10.78
C LYS B 259 -3.87 -3.45 -10.34
N GLN B 260 -2.74 -2.87 -9.94
CA GLN B 260 -2.70 -1.48 -9.49
C GLN B 260 -2.21 -0.55 -10.58
#